data_5FFW
#
_entry.id   5FFW
#
_cell.length_a   87.348
_cell.length_b   93.177
_cell.length_c   32.216
_cell.angle_alpha   90.00
_cell.angle_beta   90.00
_cell.angle_gamma   90.00
#
_symmetry.space_group_name_H-M   'P 21 21 2'
#
loop_
_entity.id
_entity.type
_entity.pdbx_description
1 polymer Peregrin
2 polymer 'Histone H4'
3 water water
#
loop_
_entity_poly.entity_id
_entity_poly.type
_entity_poly.pdbx_seq_one_letter_code
_entity_poly.pdbx_strand_id
1 'polypeptide(L)'
;SMEMQLTPFLILLRKTLEQLQEKDTGNIFSEPVPLSEVPDYLDHIKKPMDFFTMKQNLEAYRYLNFDDFEEDFNLIVSNC
LKYNAKDTIFYRAAVRLREQGGAVLRQARRQAEKMG
;
A,B
2 'polypeptide(L)' SGRG(ALY)GG(ALY)GL C
#
# COMPACT_ATOMS: atom_id res chain seq x y z
N LEU A 6 -15.60 -3.87 38.19
CA LEU A 6 -15.33 -4.90 37.14
C LEU A 6 -16.56 -5.73 36.85
N THR A 7 -17.23 -5.36 35.78
CA THR A 7 -18.49 -5.95 35.39
C THR A 7 -18.25 -6.94 34.27
N PRO A 8 -19.20 -7.87 34.09
CA PRO A 8 -19.28 -8.75 32.93
C PRO A 8 -19.21 -7.94 31.61
N PHE A 9 -19.82 -6.77 31.61
CA PHE A 9 -19.81 -5.90 30.44
C PHE A 9 -18.41 -5.39 30.11
N LEU A 10 -17.70 -4.86 31.10
CA LEU A 10 -16.32 -4.39 30.91
C LEU A 10 -15.43 -5.55 30.44
N ILE A 11 -15.57 -6.72 31.07
CA ILE A 11 -14.81 -7.92 30.67
C ILE A 11 -15.11 -8.28 29.20
N LEU A 12 -16.36 -8.17 28.83
CA LEU A 12 -16.75 -8.43 27.44
C LEU A 12 -16.13 -7.41 26.48
N LEU A 13 -16.21 -6.14 26.80
CA LEU A 13 -15.58 -5.16 25.93
C LEU A 13 -14.06 -5.38 25.82
N ARG A 14 -13.41 -5.78 26.90
CA ARG A 14 -11.97 -6.06 26.82
C ARG A 14 -11.66 -7.14 25.81
N LYS A 15 -12.45 -8.20 25.87
CA LYS A 15 -12.27 -9.35 25.00
C LYS A 15 -12.54 -8.92 23.54
N THR A 16 -13.61 -8.15 23.37
CA THR A 16 -14.01 -7.67 22.05
C THR A 16 -12.94 -6.78 21.43
N LEU A 17 -12.40 -5.88 22.25
CA LEU A 17 -11.36 -5.00 21.75
C LEU A 17 -10.12 -5.78 21.28
N GLU A 18 -9.68 -6.80 22.04
CA GLU A 18 -8.54 -7.59 21.62
C GLU A 18 -8.86 -8.34 20.32
N GLN A 19 -10.10 -8.80 20.17
CA GLN A 19 -10.51 -9.45 18.91
C GLN A 19 -10.46 -8.52 17.70
N LEU A 20 -10.87 -7.27 17.89
CA LEU A 20 -10.75 -6.24 16.85
C LEU A 20 -9.28 -5.95 16.50
N GLN A 21 -8.44 -5.81 17.51
CA GLN A 21 -7.01 -5.59 17.28
C GLN A 21 -6.36 -6.71 16.45
N GLU A 22 -6.77 -7.96 16.71
CA GLU A 22 -6.23 -9.11 16.01
C GLU A 22 -6.52 -9.07 14.52
N LYS A 23 -7.56 -8.34 14.13
CA LYS A 23 -7.91 -8.19 12.72
CA LYS A 23 -7.90 -8.20 12.71
C LYS A 23 -6.97 -7.24 11.99
N ASP A 24 -6.25 -6.42 12.76
CA ASP A 24 -5.35 -5.41 12.22
C ASP A 24 -3.94 -5.95 12.28
N THR A 25 -3.57 -6.85 11.38
CA THR A 25 -2.27 -7.51 11.50
C THR A 25 -1.04 -6.60 11.43
N GLY A 26 -1.16 -5.49 10.70
CA GLY A 26 -0.08 -4.54 10.57
C GLY A 26 0.01 -3.50 11.67
N ASN A 27 -0.90 -3.58 12.64
CA ASN A 27 -0.96 -2.64 13.78
C ASN A 27 -1.09 -1.20 13.30
N ILE A 28 -1.79 -1.01 12.19
CA ILE A 28 -1.99 0.29 11.64
C ILE A 28 -2.89 1.19 12.52
N PHE A 29 -3.78 0.56 13.27
CA PHE A 29 -4.75 1.28 14.10
C PHE A 29 -4.49 1.13 15.58
N SER A 30 -3.31 0.62 15.92
CA SER A 30 -2.99 0.34 17.32
C SER A 30 -2.86 1.60 18.20
N GLU A 31 -2.35 2.66 17.61
CA GLU A 31 -2.09 3.92 18.30
C GLU A 31 -2.58 5.10 17.48
N PRO A 32 -2.75 6.31 18.08
CA PRO A 32 -3.19 7.47 17.29
C PRO A 32 -2.31 7.68 16.08
N VAL A 33 -2.92 8.15 14.99
CA VAL A 33 -2.11 8.56 13.84
C VAL A 33 -1.06 9.59 14.32
N PRO A 34 0.24 9.37 13.95
CA PRO A 34 1.29 10.24 14.50
C PRO A 34 1.27 11.63 13.89
N LEU A 35 0.88 12.62 14.69
CA LEU A 35 0.74 14.00 14.21
C LEU A 35 2.07 14.64 13.78
N SER A 36 3.19 14.19 14.37
CA SER A 36 4.51 14.64 13.92
C SER A 36 4.84 14.16 12.50
N GLU A 37 4.30 13.01 12.09
CA GLU A 37 4.49 12.51 10.72
C GLU A 37 3.37 13.01 9.78
N VAL A 38 2.20 13.35 10.35
CA VAL A 38 0.98 13.68 9.56
C VAL A 38 0.39 15.00 10.07
N PRO A 39 1.07 16.10 9.76
CA PRO A 39 0.75 17.36 10.43
C PRO A 39 -0.58 18.00 10.13
N ASP A 40 -1.20 17.59 9.04
CA ASP A 40 -2.49 18.13 8.68
C ASP A 40 -3.63 17.19 9.05
N TYR A 41 -3.33 16.12 9.78
CA TYR A 41 -4.38 15.17 10.13
C TYR A 41 -5.58 15.83 10.79
N LEU A 42 -5.37 16.69 11.81
CA LEU A 42 -6.50 17.29 12.52
C LEU A 42 -7.29 18.37 11.73
N ASP A 43 -6.74 18.86 10.64
CA ASP A 43 -7.50 19.77 9.76
C ASP A 43 -8.59 19.03 9.02
N HIS A 44 -8.47 17.70 8.89
CA HIS A 44 -9.51 16.89 8.23
C HIS A 44 -10.37 16.05 9.15
N ILE A 45 -9.78 15.55 10.22
CA ILE A 45 -10.42 14.58 11.08
C ILE A 45 -10.80 15.26 12.38
N LYS A 46 -12.12 15.38 12.58
CA LYS A 46 -12.71 16.00 13.79
C LYS A 46 -12.45 15.23 15.07
N LYS A 47 -12.58 13.90 15.02
CA LYS A 47 -12.44 13.09 16.21
C LYS A 47 -11.57 11.85 15.94
N PRO A 48 -10.27 12.02 16.09
CA PRO A 48 -9.38 10.90 15.94
C PRO A 48 -9.69 9.74 16.87
N MET A 49 -9.41 8.53 16.41
CA MET A 49 -9.58 7.33 17.20
C MET A 49 -8.63 6.22 16.79
N ASP A 50 -8.33 5.33 17.75
CA ASP A 50 -7.45 4.20 17.53
C ASP A 50 -7.67 3.20 18.69
N PHE A 51 -7.10 2.00 18.59
CA PHE A 51 -7.40 0.99 19.60
C PHE A 51 -6.83 1.32 20.96
N PHE A 52 -5.68 2.00 21.04
CA PHE A 52 -5.14 2.33 22.39
C PHE A 52 -6.06 3.36 23.11
N THR A 53 -6.52 4.35 22.37
CA THR A 53 -7.49 5.30 22.93
C THR A 53 -8.76 4.59 23.35
N MET A 54 -9.25 3.65 22.54
CA MET A 54 -10.41 2.86 22.96
C MET A 54 -10.16 2.09 24.26
N LYS A 55 -8.97 1.51 24.40
CA LYS A 55 -8.58 0.83 25.64
C LYS A 55 -8.56 1.78 26.83
N GLN A 56 -8.06 2.99 26.63
CA GLN A 56 -8.06 3.99 27.71
C GLN A 56 -9.50 4.31 28.11
N ASN A 57 -10.36 4.53 27.14
CA ASN A 57 -11.75 4.85 27.41
C ASN A 57 -12.42 3.73 28.16
N LEU A 58 -12.16 2.52 27.73
CA LEU A 58 -12.74 1.33 28.32
C LEU A 58 -12.35 1.23 29.78
N GLU A 59 -11.06 1.37 30.04
CA GLU A 59 -10.55 1.12 31.37
C GLU A 59 -10.96 2.23 32.30
N ALA A 60 -11.19 3.42 31.78
CA ALA A 60 -11.74 4.54 32.54
C ALA A 60 -13.27 4.60 32.62
N TYR A 61 -13.97 3.48 32.37
CA TYR A 61 -15.44 3.38 32.50
C TYR A 61 -16.26 4.33 31.59
N ARG A 62 -15.71 4.72 30.44
CA ARG A 62 -16.41 5.64 29.55
C ARG A 62 -17.26 4.96 28.49
N TYR A 63 -17.25 3.63 28.46
CA TYR A 63 -18.18 2.91 27.60
C TYR A 63 -19.34 2.40 28.47
N LEU A 64 -20.38 3.22 28.59
CA LEU A 64 -21.57 2.90 29.38
C LEU A 64 -22.38 1.76 28.73
N ASN A 65 -22.31 1.69 27.41
CA ASN A 65 -23.14 0.77 26.64
C ASN A 65 -22.39 0.36 25.38
N PHE A 66 -22.91 -0.64 24.68
CA PHE A 66 -22.26 -1.16 23.50
C PHE A 66 -22.27 -0.18 22.35
N ASP A 67 -23.37 0.55 22.16
CA ASP A 67 -23.40 1.56 21.06
C ASP A 67 -22.22 2.52 21.10
N ASP A 68 -21.85 3.01 22.28
CA ASP A 68 -20.76 3.96 22.39
C ASP A 68 -19.40 3.38 21.95
N PHE A 69 -19.18 2.12 22.30
CA PHE A 69 -17.99 1.36 21.91
C PHE A 69 -17.99 1.18 20.38
N GLU A 70 -19.12 0.78 19.82
CA GLU A 70 -19.21 0.49 18.38
C GLU A 70 -18.97 1.79 17.65
N GLU A 71 -19.48 2.90 18.18
CA GLU A 71 -19.31 4.22 17.53
C GLU A 71 -17.83 4.56 17.38
N ASP A 72 -17.06 4.26 18.41
CA ASP A 72 -15.61 4.54 18.35
C ASP A 72 -14.88 3.61 17.37
N PHE A 73 -15.24 2.35 17.31
CA PHE A 73 -14.66 1.46 16.32
C PHE A 73 -14.96 2.00 14.92
N ASN A 74 -16.21 2.38 14.70
CA ASN A 74 -16.60 2.88 13.38
C ASN A 74 -15.83 4.12 12.98
N LEU A 75 -15.50 4.96 13.97
CA LEU A 75 -14.65 6.13 13.74
C LEU A 75 -13.24 5.79 13.26
N ILE A 76 -12.64 4.73 13.81
CA ILE A 76 -11.31 4.31 13.38
C ILE A 76 -11.36 4.10 11.89
N VAL A 77 -12.39 3.40 11.45
CA VAL A 77 -12.51 3.06 10.05
C VAL A 77 -12.84 4.30 9.21
N SER A 78 -13.88 5.05 9.59
CA SER A 78 -14.34 6.12 8.73
C SER A 78 -13.30 7.25 8.62
N ASN A 79 -12.62 7.53 9.74
CA ASN A 79 -11.54 8.54 9.74
C ASN A 79 -10.47 8.16 8.70
N CYS A 80 -10.14 6.87 8.67
CA CYS A 80 -9.08 6.40 7.79
C CYS A 80 -9.51 6.48 6.31
N LEU A 81 -10.76 6.13 6.04
CA LEU A 81 -11.25 6.28 4.67
C LEU A 81 -11.31 7.74 4.27
N LYS A 82 -11.67 8.60 5.21
CA LYS A 82 -11.74 10.02 4.89
C LYS A 82 -10.36 10.68 4.61
N TYR A 83 -9.39 10.43 5.49
CA TYR A 83 -8.14 11.11 5.43
C TYR A 83 -7.31 10.66 4.22
N ASN A 84 -7.27 9.34 4.03
CA ASN A 84 -6.35 8.77 3.08
C ASN A 84 -6.89 8.63 1.66
N ALA A 85 -6.02 8.69 0.65
CA ALA A 85 -6.42 8.35 -0.72
C ALA A 85 -6.80 6.85 -0.79
N LYS A 86 -7.69 6.53 -1.67
CA LYS A 86 -8.13 5.14 -1.85
C LYS A 86 -6.96 4.17 -2.06
N ASP A 87 -5.99 4.55 -2.86
CA ASP A 87 -4.93 3.63 -3.23
C ASP A 87 -3.74 3.77 -2.29
N THR A 88 -4.02 3.45 -1.03
CA THR A 88 -3.04 3.46 0.03
C THR A 88 -3.19 2.22 0.87
N ILE A 89 -2.10 1.79 1.51
CA ILE A 89 -2.18 0.65 2.46
C ILE A 89 -3.23 0.93 3.57
N PHE A 90 -3.25 2.20 4.02
CA PHE A 90 -4.09 2.61 5.12
C PHE A 90 -5.57 2.46 4.75
N TYR A 91 -5.95 3.06 3.64
CA TYR A 91 -7.36 3.01 3.21
C TYR A 91 -7.79 1.56 3.01
N ARG A 92 -6.97 0.79 2.32
CA ARG A 92 -7.33 -0.58 2.02
C ARG A 92 -7.49 -1.37 3.27
N ALA A 93 -6.61 -1.14 4.22
CA ALA A 93 -6.69 -1.82 5.48
C ALA A 93 -7.97 -1.48 6.22
N ALA A 94 -8.40 -0.23 6.15
CA ALA A 94 -9.63 0.16 6.79
C ALA A 94 -10.85 -0.49 6.15
N VAL A 95 -10.83 -0.63 4.84
CA VAL A 95 -11.93 -1.33 4.15
C VAL A 95 -12.03 -2.79 4.63
N ARG A 96 -10.89 -3.43 4.84
CA ARG A 96 -10.89 -4.86 5.34
C ARG A 96 -11.35 -4.88 6.78
N LEU A 97 -10.87 -3.93 7.57
CA LEU A 97 -11.25 -3.84 8.98
C LEU A 97 -12.75 -3.61 9.16
N ARG A 98 -13.38 -2.78 8.32
CA ARG A 98 -14.87 -2.56 8.31
CA ARG A 98 -14.82 -2.59 8.41
C ARG A 98 -15.59 -3.91 8.30
N GLU A 99 -15.16 -4.79 7.38
CA GLU A 99 -15.82 -6.08 7.21
C GLU A 99 -15.56 -7.02 8.37
N GLN A 100 -14.29 -7.25 8.65
CA GLN A 100 -13.86 -8.22 9.68
C GLN A 100 -14.21 -7.77 11.10
N GLY A 101 -14.08 -6.47 11.36
CA GLY A 101 -14.46 -5.88 12.65
C GLY A 101 -15.95 -5.73 12.82
N GLY A 102 -16.68 -5.36 11.77
CA GLY A 102 -18.15 -5.36 11.89
C GLY A 102 -18.66 -6.72 12.34
N ALA A 103 -18.04 -7.78 11.87
CA ALA A 103 -18.47 -9.12 12.29
C ALA A 103 -18.17 -9.48 13.79
N VAL A 104 -17.02 -9.08 14.27
CA VAL A 104 -16.68 -9.21 15.67
C VAL A 104 -17.74 -8.48 16.52
N LEU A 105 -18.14 -7.31 16.06
CA LEU A 105 -19.06 -6.52 16.86
C LEU A 105 -20.45 -7.13 16.89
N ARG A 106 -20.86 -7.74 15.79
CA ARG A 106 -22.18 -8.37 15.73
C ARG A 106 -22.35 -9.45 16.80
N GLN A 107 -21.31 -10.27 16.97
CA GLN A 107 -21.40 -11.37 17.92
C GLN A 107 -21.34 -10.88 19.37
N ALA A 108 -20.50 -9.87 19.60
CA ALA A 108 -20.37 -9.25 20.92
C ALA A 108 -21.60 -8.48 21.35
N ARG A 109 -22.26 -7.84 20.40
CA ARG A 109 -23.47 -7.12 20.74
C ARG A 109 -24.54 -8.07 21.28
N ARG A 110 -24.66 -9.26 20.69
CA ARG A 110 -25.68 -10.21 21.13
C ARG A 110 -25.47 -10.50 22.62
N GLN A 111 -24.21 -10.63 23.00
CA GLN A 111 -23.90 -10.94 24.38
C GLN A 111 -24.17 -9.74 25.30
N ALA A 112 -23.79 -8.56 24.86
CA ALA A 112 -23.96 -7.34 25.64
C ALA A 112 -25.41 -7.11 25.98
N GLU A 113 -26.28 -7.28 24.99
CA GLU A 113 -27.70 -6.99 25.15
C GLU A 113 -28.47 -7.93 26.10
N LYS A 114 -27.84 -9.01 26.55
CA LYS A 114 -28.39 -9.81 27.65
C LYS A 114 -28.12 -9.24 29.05
N MET A 115 -27.18 -8.30 29.18
CA MET A 115 -26.63 -7.96 30.50
C MET A 115 -27.42 -6.91 31.29
N GLN B 5 25.78 -18.47 -25.40
CA GLN B 5 26.43 -17.52 -26.36
C GLN B 5 26.00 -16.08 -26.10
N LEU B 6 26.94 -15.16 -26.24
CA LEU B 6 26.72 -13.74 -26.00
C LEU B 6 26.58 -13.01 -27.34
N THR B 7 25.38 -12.51 -27.62
CA THR B 7 25.12 -11.86 -28.92
C THR B 7 25.20 -10.33 -28.85
N PRO B 8 25.35 -9.68 -30.01
CA PRO B 8 25.21 -8.22 -30.16
C PRO B 8 23.89 -7.64 -29.62
N PHE B 9 22.81 -8.38 -29.79
CA PHE B 9 21.48 -7.97 -29.31
C PHE B 9 21.45 -7.93 -27.77
N LEU B 10 22.00 -8.97 -27.14
CA LEU B 10 22.11 -8.99 -25.68
C LEU B 10 22.96 -7.82 -25.17
N ILE B 11 24.08 -7.57 -25.82
CA ILE B 11 24.91 -6.42 -25.50
C ILE B 11 24.10 -5.13 -25.61
N LEU B 12 23.32 -4.99 -26.67
CA LEU B 12 22.47 -3.81 -26.85
C LEU B 12 21.42 -3.69 -25.74
N LEU B 13 20.81 -4.81 -25.35
CA LEU B 13 19.79 -4.75 -24.25
C LEU B 13 20.43 -4.40 -22.92
N ARG B 14 21.64 -4.89 -22.65
CA ARG B 14 22.37 -4.50 -21.44
C ARG B 14 22.52 -2.99 -21.39
N LYS B 15 22.95 -2.40 -22.50
CA LYS B 15 23.18 -0.96 -22.58
C LYS B 15 21.87 -0.18 -22.39
N THR B 16 20.84 -0.68 -23.06
CA THR B 16 19.52 -0.08 -22.99
C THR B 16 18.98 -0.14 -21.55
N LEU B 17 19.14 -1.30 -20.91
CA LEU B 17 18.67 -1.44 -19.51
C LEU B 17 19.35 -0.44 -18.61
N GLU B 18 20.64 -0.24 -18.81
CA GLU B 18 21.36 0.76 -18.01
C GLU B 18 20.92 2.18 -18.33
N GLN B 19 20.60 2.46 -19.58
CA GLN B 19 20.10 3.80 -19.94
C GLN B 19 18.74 4.12 -19.29
N LEU B 20 17.90 3.11 -19.18
CA LEU B 20 16.58 3.29 -18.57
C LEU B 20 16.71 3.60 -17.09
N GLN B 21 17.73 3.05 -16.45
CA GLN B 21 17.95 3.24 -15.02
C GLN B 21 18.64 4.55 -14.64
N GLU B 22 19.35 5.16 -15.59
CA GLU B 22 20.02 6.42 -15.27
C GLU B 22 18.96 7.46 -14.98
N LYS B 23 17.80 7.28 -15.62
CA LYS B 23 16.67 8.16 -15.42
C LYS B 23 16.00 8.03 -14.00
N ASP B 24 16.48 7.07 -13.15
CA ASP B 24 15.88 6.69 -11.83
C ASP B 24 16.83 6.92 -10.63
N THR B 25 17.04 8.19 -10.27
CA THR B 25 17.92 8.60 -9.14
C THR B 25 17.61 8.01 -7.76
N GLY B 26 16.32 7.90 -7.43
CA GLY B 26 15.92 7.32 -6.18
C GLY B 26 15.98 5.82 -6.14
N ASN B 27 16.38 5.19 -7.25
CA ASN B 27 16.39 3.73 -7.30
C ASN B 27 15.05 3.25 -6.86
N ILE B 28 14.02 3.95 -7.33
CA ILE B 28 12.63 3.56 -7.01
C ILE B 28 12.28 2.21 -7.64
N PHE B 29 12.85 1.92 -8.81
CA PHE B 29 12.52 0.76 -9.59
C PHE B 29 13.62 -0.30 -9.70
N SER B 30 14.63 -0.17 -8.83
CA SER B 30 15.84 -1.02 -8.91
C SER B 30 15.65 -2.45 -8.50
N GLU B 31 14.77 -2.67 -7.53
CA GLU B 31 14.57 -4.01 -7.00
C GLU B 31 13.08 -4.21 -6.83
N PRO B 32 12.61 -5.48 -6.67
CA PRO B 32 11.19 -5.70 -6.44
C PRO B 32 10.63 -4.88 -5.28
N VAL B 33 9.38 -4.45 -5.38
CA VAL B 33 8.70 -3.83 -4.25
C VAL B 33 8.73 -4.86 -3.13
N PRO B 34 9.19 -4.46 -1.93
CA PRO B 34 9.39 -5.46 -0.88
C PRO B 34 8.09 -5.92 -0.25
N LEU B 35 7.73 -7.17 -0.43
CA LEU B 35 6.43 -7.65 -0.05
C LEU B 35 6.22 -7.72 1.47
N SER B 36 7.30 -7.89 2.24
CA SER B 36 7.24 -7.83 3.69
C SER B 36 6.67 -6.49 4.17
N GLU B 37 7.17 -5.41 3.59
CA GLU B 37 6.79 -4.04 3.94
C GLU B 37 5.52 -3.56 3.21
N VAL B 38 5.18 -4.22 2.10
CA VAL B 38 4.02 -3.79 1.28
C VAL B 38 3.13 -5.00 1.11
N PRO B 39 2.46 -5.41 2.19
CA PRO B 39 1.76 -6.72 2.17
C PRO B 39 0.51 -6.76 1.32
N ASP B 40 0.03 -5.60 0.85
CA ASP B 40 -1.14 -5.58 -0.04
C ASP B 40 -0.73 -5.54 -1.52
N TYR B 41 0.57 -5.59 -1.81
CA TYR B 41 0.99 -5.32 -3.18
C TYR B 41 0.44 -6.36 -4.14
N LEU B 42 0.52 -7.62 -3.75
CA LEU B 42 0.04 -8.71 -4.65
C LEU B 42 -1.48 -8.79 -4.74
N ASP B 43 -2.20 -8.10 -3.88
CA ASP B 43 -3.67 -8.04 -4.01
C ASP B 43 -4.06 -7.14 -5.19
N HIS B 44 -3.16 -6.26 -5.63
CA HIS B 44 -3.48 -5.30 -6.68
C HIS B 44 -2.66 -5.43 -7.93
N ILE B 45 -1.48 -6.04 -7.82
CA ILE B 45 -0.53 -6.14 -8.94
C ILE B 45 -0.33 -7.61 -9.27
N LYS B 46 -0.74 -7.99 -10.47
CA LYS B 46 -0.66 -9.38 -10.91
C LYS B 46 0.73 -9.85 -11.22
N LYS B 47 1.55 -9.02 -11.87
CA LYS B 47 2.87 -9.40 -12.27
C LYS B 47 3.84 -8.29 -11.93
N PRO B 48 4.43 -8.38 -10.73
CA PRO B 48 5.44 -7.38 -10.35
C PRO B 48 6.63 -7.34 -11.29
N MET B 49 7.24 -6.17 -11.46
CA MET B 49 8.47 -6.09 -12.25
C MET B 49 9.33 -4.96 -11.77
N ASP B 50 10.64 -5.08 -12.01
CA ASP B 50 11.61 -4.09 -11.58
C ASP B 50 12.89 -4.31 -12.41
N PHE B 51 13.86 -3.41 -12.29
CA PHE B 51 15.04 -3.46 -13.15
C PHE B 51 15.96 -4.64 -12.82
N PHE B 52 16.07 -5.07 -11.57
CA PHE B 52 16.91 -6.24 -11.25
C PHE B 52 16.32 -7.51 -11.83
N THR B 53 15.01 -7.71 -11.69
CA THR B 53 14.39 -8.86 -12.30
C THR B 53 14.59 -8.86 -13.83
N MET B 54 14.50 -7.69 -14.44
CA MET B 54 14.73 -7.55 -15.89
C MET B 54 16.16 -7.97 -16.22
N LYS B 55 17.11 -7.53 -15.41
CA LYS B 55 18.53 -7.92 -15.65
C LYS B 55 18.71 -9.45 -15.50
N GLN B 56 18.08 -10.06 -14.50
CA GLN B 56 18.11 -11.52 -14.36
C GLN B 56 17.55 -12.19 -15.60
N ASN B 57 16.38 -11.75 -16.05
CA ASN B 57 15.78 -12.25 -17.27
C ASN B 57 16.69 -12.12 -18.48
N LEU B 58 17.30 -10.93 -18.63
CA LEU B 58 18.20 -10.61 -19.76
C LEU B 58 19.39 -11.56 -19.75
N GLU B 59 19.99 -11.73 -18.58
CA GLU B 59 21.19 -12.57 -18.49
C GLU B 59 20.89 -14.07 -18.62
N ALA B 60 19.66 -14.48 -18.30
CA ALA B 60 19.20 -15.85 -18.49
C ALA B 60 18.59 -16.10 -19.89
N TYR B 61 18.80 -15.18 -20.83
CA TYR B 61 18.37 -15.41 -22.23
C TYR B 61 16.85 -15.45 -22.45
N ARG B 62 16.13 -14.69 -21.65
CA ARG B 62 14.68 -14.64 -21.77
C ARG B 62 14.19 -13.48 -22.63
N TYR B 63 15.08 -12.58 -23.05
CA TYR B 63 14.69 -11.50 -23.96
C TYR B 63 15.39 -11.69 -25.30
N LEU B 64 14.83 -12.58 -26.09
CA LEU B 64 15.38 -12.88 -27.39
C LEU B 64 14.80 -11.98 -28.52
N ASN B 65 13.82 -11.14 -28.19
CA ASN B 65 13.35 -10.06 -29.09
C ASN B 65 13.04 -8.79 -28.30
N PHE B 66 12.94 -7.66 -29.00
CA PHE B 66 12.82 -6.35 -28.35
C PHE B 66 11.45 -6.21 -27.69
N ASP B 67 10.42 -6.80 -28.28
CA ASP B 67 9.06 -6.60 -27.76
C ASP B 67 8.99 -7.08 -26.31
N ASP B 68 9.61 -8.24 -26.02
CA ASP B 68 9.45 -8.88 -24.70
C ASP B 68 10.18 -8.04 -23.65
N PHE B 69 11.30 -7.43 -24.04
CA PHE B 69 12.03 -6.51 -23.19
C PHE B 69 11.20 -5.26 -22.93
N GLU B 70 10.65 -4.63 -23.96
CA GLU B 70 9.79 -3.46 -23.81
C GLU B 70 8.55 -3.73 -22.97
N GLU B 71 8.00 -4.93 -23.10
CA GLU B 71 6.80 -5.31 -22.35
C GLU B 71 7.08 -5.23 -20.85
N ASP B 72 8.21 -5.77 -20.43
CA ASP B 72 8.54 -5.73 -19.00
C ASP B 72 8.88 -4.36 -18.52
N PHE B 73 9.55 -3.52 -19.31
CA PHE B 73 9.71 -2.12 -18.93
C PHE B 73 8.37 -1.42 -18.71
N ASN B 74 7.48 -1.64 -19.67
CA ASN B 74 6.19 -1.00 -19.59
C ASN B 74 5.40 -1.44 -18.37
N LEU B 75 5.65 -2.67 -17.91
CA LEU B 75 5.03 -3.21 -16.68
C LEU B 75 5.56 -2.52 -15.43
N ILE B 76 6.85 -2.22 -15.39
CA ILE B 76 7.40 -1.47 -14.29
C ILE B 76 6.59 -0.16 -14.10
N VAL B 77 6.37 0.57 -15.19
CA VAL B 77 5.67 1.83 -15.14
C VAL B 77 4.19 1.69 -14.78
N SER B 78 3.51 0.79 -15.51
CA SER B 78 2.08 0.69 -15.35
C SER B 78 1.72 0.12 -13.97
N ASN B 79 2.55 -0.79 -13.43
CA ASN B 79 2.30 -1.36 -12.10
C ASN B 79 2.36 -0.23 -11.04
N CYS B 80 3.32 0.68 -11.23
CA CYS B 80 3.56 1.76 -10.28
C CYS B 80 2.41 2.74 -10.30
N LEU B 81 1.97 3.12 -11.51
CA LEU B 81 0.77 3.98 -11.62
C LEU B 81 -0.44 3.32 -10.99
N LYS B 82 -0.54 2.01 -11.14
CA LYS B 82 -1.73 1.30 -10.67
C LYS B 82 -1.76 1.19 -9.15
N TYR B 83 -0.61 0.85 -8.56
CA TYR B 83 -0.55 0.61 -7.12
C TYR B 83 -0.66 1.89 -6.29
N ASN B 84 0.02 2.94 -6.76
CA ASN B 84 0.22 4.13 -5.93
C ASN B 84 -0.83 5.18 -6.22
N ALA B 85 -1.15 6.01 -5.23
CA ALA B 85 -2.06 7.16 -5.46
C ALA B 85 -1.36 8.19 -6.33
N LYS B 86 -2.17 9.01 -6.99
CA LYS B 86 -1.60 10.00 -7.92
C LYS B 86 -0.75 10.99 -7.20
N ASP B 87 -1.11 11.33 -6.00
CA ASP B 87 -0.38 12.44 -5.39
C ASP B 87 0.82 11.89 -4.61
N THR B 88 1.74 11.21 -5.28
CA THR B 88 2.85 10.58 -4.59
C THR B 88 4.17 10.69 -5.35
N ILE B 89 5.26 10.52 -4.62
CA ILE B 89 6.57 10.50 -5.19
C ILE B 89 6.66 9.39 -6.23
N PHE B 90 6.03 8.27 -5.93
CA PHE B 90 6.20 7.07 -6.74
C PHE B 90 5.41 7.21 -8.05
N TYR B 91 4.14 7.64 -7.94
CA TYR B 91 3.36 7.83 -9.15
C TYR B 91 4.00 8.88 -10.05
N ARG B 92 4.45 9.99 -9.45
CA ARG B 92 5.14 11.05 -10.26
C ARG B 92 6.40 10.48 -10.94
N ALA B 93 7.15 9.65 -10.25
CA ALA B 93 8.35 9.05 -10.82
C ALA B 93 8.05 8.13 -11.99
N ALA B 94 6.94 7.40 -11.91
CA ALA B 94 6.58 6.52 -13.00
C ALA B 94 6.12 7.29 -14.26
N VAL B 95 5.40 8.38 -14.05
CA VAL B 95 5.00 9.28 -15.17
C VAL B 95 6.25 9.78 -15.87
N ARG B 96 7.25 10.21 -15.08
CA ARG B 96 8.52 10.75 -15.64
C ARG B 96 9.25 9.63 -16.36
N LEU B 97 9.22 8.41 -15.79
CA LEU B 97 9.93 7.27 -16.37
C LEU B 97 9.32 6.85 -17.72
N ARG B 98 8.00 6.87 -17.82
CA ARG B 98 7.26 6.69 -19.07
CA ARG B 98 7.32 6.62 -19.11
C ARG B 98 7.85 7.60 -20.16
N GLU B 99 7.98 8.87 -19.78
CA GLU B 99 8.42 9.96 -20.71
C GLU B 99 9.85 9.69 -21.13
N GLN B 100 10.73 9.56 -20.15
N GLN B 100 10.73 9.56 -20.16
CA GLN B 100 12.15 9.42 -20.43
CA GLN B 100 12.16 9.41 -20.45
C GLN B 100 12.51 8.06 -21.04
C GLN B 100 12.47 8.07 -21.09
N GLY B 101 11.84 7.00 -20.62
CA GLY B 101 12.08 5.67 -21.14
C GLY B 101 11.56 5.48 -22.55
N GLY B 102 10.39 6.04 -22.84
CA GLY B 102 9.85 5.99 -24.20
C GLY B 102 10.87 6.42 -25.23
N ALA B 103 11.61 7.48 -24.91
CA ALA B 103 12.64 7.96 -25.80
C ALA B 103 13.88 7.03 -25.95
N VAL B 104 14.35 6.44 -24.86
CA VAL B 104 15.48 5.49 -24.90
C VAL B 104 15.10 4.24 -25.69
N LEU B 105 13.88 3.78 -25.48
CA LEU B 105 13.40 2.59 -26.17
C LEU B 105 13.22 2.82 -27.68
N ARG B 106 12.85 4.03 -28.08
CA ARG B 106 12.66 4.34 -29.50
C ARG B 106 13.96 4.13 -30.28
N GLN B 107 15.06 4.64 -29.77
CA GLN B 107 16.34 4.54 -30.50
C GLN B 107 16.94 3.14 -30.40
N ALA B 108 16.78 2.47 -29.27
CA ALA B 108 17.27 1.10 -29.15
C ALA B 108 16.55 0.11 -30.07
N ARG B 109 15.24 0.25 -30.23
CA ARG B 109 14.52 -0.64 -31.13
C ARG B 109 14.98 -0.50 -32.59
N ARG B 110 15.17 0.74 -33.03
CA ARG B 110 15.74 1.04 -34.35
C ARG B 110 17.04 0.23 -34.59
N GLN B 111 17.95 0.25 -33.61
CA GLN B 111 19.21 -0.51 -33.71
C GLN B 111 18.99 -2.02 -33.73
N ALA B 112 18.09 -2.51 -32.89
CA ALA B 112 17.81 -3.95 -32.77
C ALA B 112 17.31 -4.61 -34.04
N GLU B 113 16.40 -3.95 -34.74
CA GLU B 113 15.70 -4.55 -35.89
C GLU B 113 16.55 -4.55 -37.17
N LYS B 114 17.76 -4.00 -37.08
CA LYS B 114 18.81 -4.18 -38.09
C LYS B 114 19.66 -5.45 -37.89
N MET B 115 19.46 -6.15 -36.77
CA MET B 115 20.13 -7.41 -36.49
C MET B 115 19.15 -8.52 -36.85
N SER C 1 -9.26 14.26 0.84
CA SER C 1 -8.12 13.64 1.54
C SER C 1 -7.14 14.72 1.98
N GLY C 2 -6.31 14.43 2.96
CA GLY C 2 -5.29 15.39 3.32
C GLY C 2 -4.05 15.23 2.48
N ARG C 3 -2.96 15.77 2.95
CA ARG C 3 -1.68 15.63 2.25
C ARG C 3 -1.30 14.15 2.06
N GLY C 4 -1.67 13.32 3.02
CA GLY C 4 -1.29 11.92 3.00
C GLY C 4 -0.12 11.60 3.89
N GLY C 6 2.23 9.46 2.97
CA GLY C 6 3.35 9.08 2.14
C GLY C 6 3.71 7.62 2.27
N GLY C 7 4.94 7.32 1.86
CA GLY C 7 5.55 6.02 1.95
C GLY C 7 5.02 5.02 0.95
N GLY C 9 3.65 1.28 1.35
CA GLY C 9 3.26 0.30 2.36
C GLY C 9 3.62 0.80 3.74
N LEU C 10 4.20 -0.09 4.54
CA LEU C 10 4.60 0.22 5.89
C LEU C 10 6.11 0.57 5.90
#